data_2Z4J
#
_entry.id   2Z4J
#
_cell.length_a   55.979
_cell.length_b   66.542
_cell.length_c   71.842
_cell.angle_alpha   90.00
_cell.angle_beta   90.00
_cell.angle_gamma   90.00
#
_symmetry.space_group_name_H-M   'P 21 21 21'
#
loop_
_entity.id
_entity.type
_entity.pdbx_description
1 polymer 'Androgen receptor'
2 polymer 'Nuclear receptor 0B2'
3 non-polymer 5-ALPHA-DIHYDROTESTOSTERONE
4 water water
#
loop_
_entity_poly.entity_id
_entity_poly.type
_entity_poly.pdbx_seq_one_letter_code
_entity_poly.pdbx_strand_id
1 'polypeptide(L)'
;PIFLNVLEAIEPGVVCAGHDNNQPDSFAALLSSLNELGERQLVHVVKWAKALPGFRNLHVDDQMAVIQYSWMGLMVFAMG
WRSFTNVNSRMLYFAPDLVFNEYRMHKSRMYSQCVRMRHLSQEFGWLQITPQEFLCMKALLLFSIIPVDGLKNQKFFDEL
RMNYIKELDRIIACKRKNPTSCSRRFYQLTKLLDSVQPIARELHQFTFDLLIKSHMVSVDFPEMMAEIISVQVPKILSGK
VKPIYFHT
;
A
2 'polypeptide(L)' PSILKKILLE B
#
loop_
_chem_comp.id
_chem_comp.type
_chem_comp.name
_chem_comp.formula
DHT non-polymer 5-ALPHA-DIHYDROTESTOSTERONE 'C19 H30 O2'
#
# COMPACT_ATOMS: atom_id res chain seq x y z
N PRO A 1 2.54 -18.66 17.85
CA PRO A 1 2.41 -17.33 17.20
C PRO A 1 1.48 -17.51 16.01
N ILE A 2 0.25 -17.91 16.28
CA ILE A 2 -0.70 -18.15 15.20
C ILE A 2 -0.88 -17.00 14.24
N PHE A 3 -1.16 -15.82 14.77
CA PHE A 3 -1.35 -14.64 13.93
C PHE A 3 -0.19 -14.47 12.95
N LEU A 4 1.04 -14.58 13.44
CA LEU A 4 2.21 -14.42 12.58
C LEU A 4 2.35 -15.52 11.54
N ASN A 5 2.01 -16.75 11.92
CA ASN A 5 2.06 -17.90 11.03
C ASN A 5 1.23 -17.61 9.81
N VAL A 6 0.07 -17.00 10.07
CA VAL A 6 -0.88 -16.65 9.02
C VAL A 6 -0.38 -15.56 8.09
N LEU A 7 0.09 -14.45 8.67
CA LEU A 7 0.58 -13.34 7.85
C LEU A 7 1.69 -13.80 6.91
N GLU A 8 2.62 -14.56 7.48
CA GLU A 8 3.77 -15.09 6.74
C GLU A 8 3.34 -16.08 5.66
N ALA A 9 2.32 -16.90 5.96
CA ALA A 9 1.83 -17.89 5.03
C ALA A 9 1.08 -17.30 3.83
N ILE A 10 0.35 -16.21 4.07
CA ILE A 10 -0.46 -15.57 3.01
C ILE A 10 0.17 -14.40 2.25
N GLU A 11 1.45 -14.14 2.48
CA GLU A 11 2.12 -13.03 1.81
C GLU A 11 2.21 -13.25 0.30
N PRO A 12 1.72 -12.28 -0.50
CA PRO A 12 1.75 -12.42 -1.96
C PRO A 12 3.15 -12.68 -2.50
N GLY A 13 3.23 -13.34 -3.65
CA GLY A 13 4.52 -13.64 -4.24
C GLY A 13 5.07 -12.52 -5.11
N VAL A 14 6.11 -12.85 -5.88
CA VAL A 14 6.74 -11.88 -6.76
C VAL A 14 5.81 -11.64 -7.95
N VAL A 15 5.53 -10.36 -8.21
CA VAL A 15 4.67 -9.98 -9.31
C VAL A 15 5.45 -9.15 -10.34
N CYS A 16 5.36 -9.54 -11.61
CA CYS A 16 6.06 -8.83 -12.67
C CYS A 16 5.14 -7.77 -13.30
N ALA A 17 5.74 -6.68 -13.76
CA ALA A 17 4.98 -5.59 -14.35
C ALA A 17 4.73 -5.84 -15.83
N GLY A 18 5.48 -6.76 -16.41
CA GLY A 18 5.34 -7.06 -17.82
C GLY A 18 5.93 -5.93 -18.64
N HIS A 19 6.95 -5.27 -18.10
CA HIS A 19 7.57 -4.16 -18.80
C HIS A 19 8.62 -4.61 -19.81
N ASP A 20 8.58 -3.98 -20.99
CA ASP A 20 9.51 -4.28 -22.07
C ASP A 20 10.75 -3.39 -21.96
N ASN A 21 11.70 -3.82 -21.14
CA ASN A 21 12.93 -3.08 -20.91
C ASN A 21 13.65 -2.61 -22.18
N ASN A 22 13.59 -3.41 -23.24
CA ASN A 22 14.25 -3.07 -24.50
C ASN A 22 13.74 -1.81 -25.18
N GLN A 23 12.64 -1.28 -24.70
CA GLN A 23 12.09 -0.06 -25.27
C GLN A 23 12.68 1.15 -24.57
N PRO A 24 12.90 2.23 -25.33
CA PRO A 24 13.46 3.39 -24.66
C PRO A 24 12.46 3.87 -23.60
N ASP A 25 12.97 4.34 -22.47
CA ASP A 25 12.10 4.86 -21.41
C ASP A 25 11.35 6.03 -22.04
N SER A 26 10.11 6.22 -21.59
CA SER A 26 9.30 7.30 -22.11
C SER A 26 8.08 7.39 -21.23
N PHE A 27 7.83 8.58 -20.70
CA PHE A 27 6.70 8.82 -19.81
C PHE A 27 5.56 7.81 -19.93
N ALA A 28 4.96 7.75 -21.12
CA ALA A 28 3.85 6.84 -21.39
C ALA A 28 4.16 5.36 -21.11
N ALA A 29 5.34 4.89 -21.55
CA ALA A 29 5.72 3.51 -21.36
C ALA A 29 5.93 3.18 -19.90
N LEU A 30 6.56 4.10 -19.17
CA LEU A 30 6.80 3.86 -17.75
C LEU A 30 5.48 3.83 -16.99
N LEU A 31 4.64 4.85 -17.19
CA LEU A 31 3.36 4.91 -16.49
C LEU A 31 2.36 3.80 -16.91
N SER A 32 2.27 3.55 -18.22
CA SER A 32 1.39 2.48 -18.71
C SER A 32 1.76 1.19 -17.98
N SER A 33 3.06 0.97 -17.78
CA SER A 33 3.53 -0.24 -17.09
C SER A 33 3.26 -0.21 -15.59
N LEU A 34 3.42 0.95 -14.96
CA LEU A 34 3.14 1.03 -13.54
C LEU A 34 1.66 0.75 -13.35
N ASN A 35 0.80 1.26 -14.24
CA ASN A 35 -0.65 1.02 -14.14
C ASN A 35 -0.96 -0.46 -14.35
N GLU A 36 -0.28 -1.11 -15.28
CA GLU A 36 -0.50 -2.54 -15.49
C GLU A 36 -0.06 -3.26 -14.22
N LEU A 37 1.12 -2.89 -13.72
CA LEU A 37 1.63 -3.49 -12.49
C LEU A 37 0.61 -3.25 -11.38
N GLY A 38 0.12 -2.02 -11.29
CA GLY A 38 -0.86 -1.66 -10.30
C GLY A 38 -2.07 -2.56 -10.37
N GLU A 39 -2.54 -2.82 -11.59
CA GLU A 39 -3.71 -3.69 -11.80
C GLU A 39 -3.44 -5.14 -11.38
N ARG A 40 -2.22 -5.63 -11.61
CA ARG A 40 -1.87 -6.99 -11.24
C ARG A 40 -1.74 -7.12 -9.73
N GLN A 41 -0.93 -6.26 -9.12
CA GLN A 41 -0.76 -6.32 -7.67
C GLN A 41 -2.10 -6.13 -6.98
N LEU A 42 -3.06 -5.49 -7.65
CA LEU A 42 -4.36 -5.27 -7.02
C LEU A 42 -5.08 -6.61 -6.83
N VAL A 43 -4.85 -7.54 -7.74
CA VAL A 43 -5.48 -8.84 -7.66
C VAL A 43 -4.99 -9.56 -6.41
N HIS A 44 -3.67 -9.61 -6.25
CA HIS A 44 -3.08 -10.27 -5.08
C HIS A 44 -3.54 -9.65 -3.78
N VAL A 45 -3.64 -8.33 -3.75
CA VAL A 45 -4.09 -7.64 -2.55
C VAL A 45 -5.46 -8.19 -2.11
N VAL A 46 -6.42 -8.23 -3.02
CA VAL A 46 -7.75 -8.74 -2.71
C VAL A 46 -7.69 -10.16 -2.15
N LYS A 47 -6.87 -11.02 -2.74
CA LYS A 47 -6.74 -12.39 -2.25
C LYS A 47 -6.00 -12.42 -0.92
N TRP A 48 -4.97 -11.58 -0.81
CA TRP A 48 -4.21 -11.49 0.41
C TRP A 48 -5.14 -10.99 1.52
N ALA A 49 -5.80 -9.88 1.26
CA ALA A 49 -6.70 -9.24 2.23
C ALA A 49 -7.80 -10.14 2.79
N LYS A 50 -8.45 -10.89 1.91
CA LYS A 50 -9.54 -11.79 2.29
C LYS A 50 -9.10 -12.98 3.14
N ALA A 51 -7.83 -13.31 3.07
CA ALA A 51 -7.32 -14.44 3.85
C ALA A 51 -6.70 -13.95 5.16
N LEU A 52 -6.99 -12.70 5.50
CA LEU A 52 -6.52 -12.09 6.74
C LEU A 52 -7.42 -12.48 7.90
N PRO A 53 -6.80 -12.70 9.08
CA PRO A 53 -7.54 -13.09 10.28
C PRO A 53 -8.70 -12.13 10.55
N GLY A 54 -9.90 -12.68 10.71
CA GLY A 54 -11.07 -11.87 11.00
C GLY A 54 -11.55 -10.88 9.94
N PHE A 55 -10.98 -10.93 8.74
CA PHE A 55 -11.37 -10.01 7.67
C PHE A 55 -12.78 -10.22 7.11
N ARG A 56 -13.12 -11.48 6.82
CA ARG A 56 -14.44 -11.79 6.26
C ARG A 56 -15.58 -11.50 7.27
N ASN A 57 -15.20 -11.01 8.44
CA ASN A 57 -16.16 -10.67 9.47
C ASN A 57 -16.74 -9.32 9.08
N LEU A 58 -15.94 -8.49 8.41
CA LEU A 58 -16.38 -7.19 7.94
C LEU A 58 -17.52 -7.36 6.96
N HIS A 59 -18.46 -6.41 6.94
CA HIS A 59 -19.58 -6.46 5.99
C HIS A 59 -18.97 -6.47 4.58
N VAL A 60 -19.42 -7.40 3.74
CA VAL A 60 -18.88 -7.50 2.40
C VAL A 60 -18.65 -6.17 1.70
N ASP A 61 -19.47 -5.18 2.01
CA ASP A 61 -19.34 -3.85 1.42
C ASP A 61 -18.17 -3.05 1.99
N ASP A 62 -17.91 -3.19 3.29
CA ASP A 62 -16.79 -2.49 3.90
C ASP A 62 -15.50 -3.17 3.49
N GLN A 63 -15.62 -4.38 2.94
CA GLN A 63 -14.45 -5.12 2.50
C GLN A 63 -13.96 -4.51 1.20
N MET A 64 -14.88 -4.03 0.38
CA MET A 64 -14.54 -3.37 -0.88
C MET A 64 -13.99 -2.00 -0.54
N ALA A 65 -14.76 -1.25 0.25
CA ALA A 65 -14.36 0.08 0.66
C ALA A 65 -12.92 0.09 1.17
N VAL A 66 -12.65 -0.60 2.28
CA VAL A 66 -11.29 -0.58 2.83
C VAL A 66 -10.22 -0.96 1.80
N ILE A 67 -10.43 -2.03 1.06
CA ILE A 67 -9.45 -2.42 0.06
C ILE A 67 -9.25 -1.29 -0.97
N GLN A 68 -10.36 -0.77 -1.49
CA GLN A 68 -10.33 0.28 -2.49
C GLN A 68 -9.71 1.60 -2.04
N TYR A 69 -9.78 1.90 -0.76
CA TYR A 69 -9.22 3.16 -0.29
C TYR A 69 -7.76 3.03 0.16
N SER A 70 -7.36 1.82 0.53
CA SER A 70 -6.02 1.64 1.04
C SER A 70 -4.97 0.93 0.18
N TRP A 71 -5.32 0.48 -1.02
CA TRP A 71 -4.34 -0.20 -1.85
C TRP A 71 -3.08 0.62 -2.13
N MET A 72 -3.24 1.89 -2.43
CA MET A 72 -2.08 2.75 -2.72
C MET A 72 -1.03 2.70 -1.61
N GLY A 73 -1.45 2.97 -0.38
CA GLY A 73 -0.53 2.95 0.74
C GLY A 73 0.04 1.57 1.02
N LEU A 74 -0.74 0.53 0.71
CA LEU A 74 -0.28 -0.85 0.94
C LEU A 74 0.77 -1.19 -0.08
N MET A 75 0.46 -0.93 -1.35
CA MET A 75 1.39 -1.23 -2.43
C MET A 75 2.69 -0.44 -2.32
N VAL A 76 2.60 0.82 -1.92
CA VAL A 76 3.78 1.66 -1.76
C VAL A 76 4.64 1.14 -0.58
N PHE A 77 3.98 0.63 0.46
CA PHE A 77 4.70 0.12 1.60
C PHE A 77 5.51 -1.12 1.24
N ALA A 78 4.83 -2.14 0.71
CA ALA A 78 5.49 -3.37 0.31
C ALA A 78 6.62 -3.07 -0.66
N MET A 79 6.31 -2.25 -1.66
CA MET A 79 7.30 -1.87 -2.68
C MET A 79 8.53 -1.24 -2.04
N GLY A 80 8.31 -0.53 -0.93
CA GLY A 80 9.43 0.09 -0.23
C GLY A 80 10.22 -0.97 0.47
N TRP A 81 9.57 -2.08 0.78
CA TRP A 81 10.21 -3.20 1.45
C TRP A 81 11.04 -3.97 0.43
N ARG A 82 10.47 -4.26 -0.74
CA ARG A 82 11.19 -4.98 -1.79
C ARG A 82 12.42 -4.18 -2.18
N SER A 83 12.27 -2.86 -2.27
CA SER A 83 13.39 -2.00 -2.60
C SER A 83 14.48 -2.18 -1.58
N PHE A 84 14.09 -2.11 -0.31
CA PHE A 84 15.04 -2.26 0.79
C PHE A 84 15.78 -3.58 0.81
N THR A 85 15.09 -4.69 0.54
CA THR A 85 15.77 -5.99 0.56
C THR A 85 16.54 -6.34 -0.73
N ASN A 86 16.15 -5.77 -1.87
CA ASN A 86 16.85 -6.06 -3.12
C ASN A 86 17.94 -5.06 -3.48
N VAL A 87 17.54 -3.94 -4.07
CA VAL A 87 18.50 -2.90 -4.46
C VAL A 87 18.85 -2.01 -3.27
N ASN A 88 18.71 -2.57 -2.06
CA ASN A 88 19.01 -1.87 -0.82
C ASN A 88 18.59 -0.38 -0.80
N SER A 89 17.30 -0.14 -1.05
CA SER A 89 16.71 1.21 -1.07
C SER A 89 17.51 2.25 -1.86
N ARG A 90 18.47 1.76 -2.64
CA ARG A 90 19.32 2.61 -3.47
C ARG A 90 18.47 3.13 -4.63
N MET A 91 17.67 2.24 -5.21
CA MET A 91 16.77 2.55 -6.30
C MET A 91 15.35 2.25 -5.82
N LEU A 92 14.42 2.04 -6.76
CA LEU A 92 13.05 1.71 -6.43
C LEU A 92 12.65 0.45 -7.15
N TYR A 93 12.55 -0.65 -6.40
CA TYR A 93 12.21 -1.95 -6.97
C TYR A 93 10.69 -2.21 -7.03
N PHE A 94 10.03 -1.59 -8.01
CA PHE A 94 8.59 -1.75 -8.19
C PHE A 94 8.25 -3.19 -8.56
N ALA A 95 9.04 -3.76 -9.45
CA ALA A 95 8.85 -5.14 -9.88
C ALA A 95 10.21 -5.66 -10.36
N PRO A 96 10.36 -6.98 -10.47
CA PRO A 96 11.63 -7.53 -10.94
C PRO A 96 12.04 -6.98 -12.31
N ASP A 97 11.05 -6.75 -13.17
CA ASP A 97 11.29 -6.25 -14.52
C ASP A 97 10.92 -4.79 -14.68
N LEU A 98 10.94 -4.04 -13.57
CA LEU A 98 10.60 -2.61 -13.60
C LEU A 98 11.24 -1.92 -12.40
N VAL A 99 12.56 -1.77 -12.45
CA VAL A 99 13.32 -1.13 -11.38
C VAL A 99 13.61 0.31 -11.79
N PHE A 100 13.34 1.24 -10.90
CA PHE A 100 13.58 2.64 -11.21
C PHE A 100 14.92 3.18 -10.75
N ASN A 101 15.72 3.64 -11.71
CA ASN A 101 16.99 4.25 -11.39
C ASN A 101 16.67 5.75 -11.47
N GLU A 102 17.58 6.59 -10.98
CA GLU A 102 17.42 8.04 -11.01
C GLU A 102 16.86 8.56 -12.34
N TYR A 103 17.35 8.01 -13.45
CA TYR A 103 16.90 8.45 -14.76
C TYR A 103 15.41 8.25 -14.94
N ARG A 104 14.95 7.03 -14.74
CA ARG A 104 13.54 6.71 -14.88
C ARG A 104 12.70 7.50 -13.89
N MET A 105 13.27 7.81 -12.72
CA MET A 105 12.56 8.58 -11.69
C MET A 105 12.21 9.95 -12.26
N HIS A 106 13.13 10.51 -13.01
CA HIS A 106 12.91 11.80 -13.61
C HIS A 106 12.05 11.68 -14.86
N LYS A 107 12.25 10.59 -15.59
CA LYS A 107 11.53 10.38 -16.84
C LYS A 107 10.03 10.21 -16.71
N SER A 108 9.59 9.65 -15.59
CA SER A 108 8.16 9.43 -15.33
C SER A 108 7.47 10.70 -14.79
N ARG A 109 8.25 11.74 -14.55
CA ARG A 109 7.73 13.01 -14.06
C ARG A 109 7.24 12.96 -12.61
N MET A 110 7.75 11.98 -11.85
CA MET A 110 7.35 11.83 -10.46
C MET A 110 8.56 11.74 -9.54
N TYR A 111 9.67 12.32 -9.97
CA TYR A 111 10.88 12.29 -9.17
C TYR A 111 10.58 12.68 -7.73
N SER A 112 9.81 13.75 -7.53
CA SER A 112 9.49 14.21 -6.19
C SER A 112 8.82 13.14 -5.32
N GLN A 113 7.82 12.46 -5.88
CA GLN A 113 7.12 11.43 -5.14
C GLN A 113 8.03 10.23 -4.91
N CYS A 114 8.89 9.96 -5.88
CA CYS A 114 9.84 8.84 -5.81
C CYS A 114 10.91 9.09 -4.73
N VAL A 115 11.31 10.35 -4.56
CA VAL A 115 12.29 10.74 -3.54
C VAL A 115 11.74 10.38 -2.16
N ARG A 116 10.45 10.65 -1.96
CA ARG A 116 9.79 10.37 -0.69
C ARG A 116 9.58 8.87 -0.52
N MET A 117 9.35 8.19 -1.64
CA MET A 117 9.17 6.75 -1.54
C MET A 117 10.50 6.13 -1.18
N ARG A 118 11.58 6.61 -1.81
CA ARG A 118 12.89 6.04 -1.51
C ARG A 118 13.28 6.32 -0.05
N HIS A 119 12.82 7.44 0.50
CA HIS A 119 13.10 7.78 1.90
C HIS A 119 12.48 6.73 2.81
N LEU A 120 11.22 6.43 2.53
CA LEU A 120 10.47 5.40 3.25
C LEU A 120 11.25 4.10 3.16
N SER A 121 11.74 3.81 1.96
CA SER A 121 12.52 2.62 1.73
C SER A 121 13.72 2.56 2.67
N GLN A 122 14.40 3.69 2.84
CA GLN A 122 15.55 3.77 3.71
C GLN A 122 15.19 3.55 5.18
N GLU A 123 14.04 4.07 5.59
CA GLU A 123 13.55 3.94 6.95
C GLU A 123 13.55 2.49 7.44
N PHE A 124 13.25 1.55 6.56
CA PHE A 124 13.24 0.14 6.94
C PHE A 124 14.63 -0.23 7.45
N GLY A 125 15.65 0.32 6.80
CA GLY A 125 17.02 0.06 7.21
C GLY A 125 17.38 0.85 8.45
N TRP A 126 17.22 2.17 8.41
CA TRP A 126 17.54 3.02 9.54
C TRP A 126 16.89 2.53 10.84
N LEU A 127 15.65 2.07 10.73
CA LEU A 127 14.90 1.59 11.90
C LEU A 127 15.06 0.10 12.19
N GLN A 128 15.83 -0.58 11.34
CA GLN A 128 16.05 -2.02 11.51
C GLN A 128 14.75 -2.79 11.67
N ILE A 129 13.79 -2.49 10.80
CA ILE A 129 12.49 -3.16 10.83
C ILE A 129 12.71 -4.64 10.57
N THR A 130 12.09 -5.51 11.36
CA THR A 130 12.22 -6.95 11.15
C THR A 130 11.17 -7.39 10.15
N PRO A 131 11.32 -8.61 9.59
CA PRO A 131 10.34 -9.13 8.62
C PRO A 131 8.96 -9.28 9.27
N GLN A 132 8.94 -9.54 10.58
CA GLN A 132 7.70 -9.71 11.32
C GLN A 132 6.97 -8.38 11.58
N GLU A 133 7.74 -7.32 11.86
CA GLU A 133 7.16 -6.00 12.12
C GLU A 133 6.60 -5.46 10.84
N PHE A 134 7.32 -5.69 9.75
CA PHE A 134 6.87 -5.24 8.45
C PHE A 134 5.48 -5.83 8.14
N LEU A 135 5.30 -7.14 8.36
CA LEU A 135 4.04 -7.83 8.08
C LEU A 135 2.87 -7.35 8.93
N CYS A 136 3.10 -7.15 10.22
CA CYS A 136 2.05 -6.66 11.11
C CYS A 136 1.73 -5.20 10.77
N MET A 137 2.76 -4.43 10.42
CA MET A 137 2.57 -3.04 10.06
C MET A 137 1.77 -2.91 8.78
N LYS A 138 2.10 -3.72 7.79
CA LYS A 138 1.40 -3.68 6.52
C LYS A 138 -0.07 -4.12 6.64
N ALA A 139 -0.36 -5.03 7.58
CA ALA A 139 -1.74 -5.47 7.76
C ALA A 139 -2.50 -4.23 8.20
N LEU A 140 -1.97 -3.57 9.21
CA LEU A 140 -2.54 -2.33 9.76
C LEU A 140 -2.86 -1.28 8.73
N LEU A 141 -2.07 -1.21 7.66
CA LEU A 141 -2.31 -0.20 6.64
C LEU A 141 -3.66 -0.36 5.97
N LEU A 142 -4.09 -1.62 5.82
CA LEU A 142 -5.37 -1.92 5.20
C LEU A 142 -6.51 -1.29 6.01
N PHE A 143 -6.34 -1.19 7.32
CA PHE A 143 -7.36 -0.62 8.19
C PHE A 143 -7.08 0.84 8.54
N SER A 144 -6.21 1.48 7.77
CA SER A 144 -5.81 2.84 8.08
C SER A 144 -6.50 4.02 7.39
N ILE A 145 -7.54 3.76 6.61
CA ILE A 145 -8.21 4.86 5.91
C ILE A 145 -9.68 4.52 5.64
N ILE A 146 -10.57 5.42 6.08
CA ILE A 146 -12.02 5.23 5.95
C ILE A 146 -12.81 6.51 5.66
N PRO A 147 -14.08 6.37 5.21
CA PRO A 147 -14.96 7.52 4.90
C PRO A 147 -15.35 8.20 6.21
N VAL A 148 -15.42 9.53 6.21
CA VAL A 148 -15.75 10.28 7.43
C VAL A 148 -17.09 9.96 8.07
N ASP A 149 -18.03 9.44 7.30
CA ASP A 149 -19.32 9.07 7.83
C ASP A 149 -19.28 7.73 8.53
N GLY A 150 -18.40 6.85 8.06
CA GLY A 150 -18.27 5.52 8.64
C GLY A 150 -18.70 4.47 7.63
N LEU A 151 -18.25 3.24 7.84
CA LEU A 151 -18.58 2.13 6.94
C LEU A 151 -19.96 1.58 7.30
N LYS A 152 -20.42 0.54 6.59
CA LYS A 152 -21.70 -0.09 6.88
C LYS A 152 -21.72 -0.50 8.35
N ASN A 153 -20.73 -1.28 8.76
CA ASN A 153 -20.63 -1.72 10.14
C ASN A 153 -19.33 -1.18 10.70
N GLN A 154 -19.36 0.07 11.13
CA GLN A 154 -18.20 0.76 11.69
C GLN A 154 -17.78 0.17 13.03
N LYS A 155 -18.77 -0.16 13.86
CA LYS A 155 -18.51 -0.74 15.18
C LYS A 155 -17.56 -1.91 15.09
N PHE A 156 -17.76 -2.73 14.07
CA PHE A 156 -16.93 -3.91 13.91
C PHE A 156 -15.55 -3.63 13.29
N PHE A 157 -15.49 -2.70 12.36
CA PHE A 157 -14.21 -2.34 11.73
C PHE A 157 -13.23 -1.87 12.81
N ASP A 158 -13.73 -1.06 13.75
CA ASP A 158 -12.88 -0.54 14.82
C ASP A 158 -12.36 -1.67 15.71
N GLU A 159 -13.16 -2.72 15.87
CA GLU A 159 -12.78 -3.88 16.66
C GLU A 159 -11.61 -4.58 15.99
N LEU A 160 -11.78 -4.88 14.71
CA LEU A 160 -10.74 -5.56 13.98
C LEU A 160 -9.45 -4.75 14.05
N ARG A 161 -9.58 -3.43 13.89
CA ARG A 161 -8.42 -2.55 13.91
C ARG A 161 -7.71 -2.63 15.25
N MET A 162 -8.48 -2.53 16.32
CA MET A 162 -7.90 -2.62 17.66
C MET A 162 -7.04 -3.88 17.79
N ASN A 163 -7.56 -5.02 17.33
CA ASN A 163 -6.85 -6.29 17.42
C ASN A 163 -5.56 -6.28 16.64
N TYR A 164 -5.57 -5.67 15.46
CA TYR A 164 -4.36 -5.61 14.66
C TYR A 164 -3.32 -4.69 15.30
N ILE A 165 -3.79 -3.66 16.01
CA ILE A 165 -2.89 -2.74 16.70
C ILE A 165 -2.26 -3.48 17.88
N LYS A 166 -3.07 -4.30 18.54
CA LYS A 166 -2.60 -5.06 19.69
C LYS A 166 -1.60 -6.12 19.27
N GLU A 167 -1.69 -6.55 18.02
CA GLU A 167 -0.77 -7.56 17.47
C GLU A 167 0.59 -6.93 17.21
N LEU A 168 0.60 -5.83 16.48
CA LEU A 168 1.83 -5.11 16.21
C LEU A 168 2.51 -4.81 17.55
N ASP A 169 1.69 -4.70 18.59
CA ASP A 169 2.15 -4.40 19.93
C ASP A 169 2.86 -5.62 20.54
N ARG A 170 2.30 -6.81 20.34
CA ARG A 170 2.91 -8.04 20.85
C ARG A 170 4.19 -8.37 20.09
N ILE A 171 4.17 -8.20 18.79
CA ILE A 171 5.33 -8.48 17.96
C ILE A 171 6.55 -7.75 18.50
N ILE A 172 6.35 -6.52 18.96
CA ILE A 172 7.43 -5.74 19.51
C ILE A 172 7.77 -6.26 20.90
N ALA A 173 6.74 -6.48 21.71
CA ALA A 173 6.89 -6.96 23.09
C ALA A 173 7.59 -8.32 23.20
N CYS A 174 7.63 -9.06 22.11
CA CYS A 174 8.30 -10.36 22.11
C CYS A 174 9.77 -10.21 21.73
N LYS A 175 10.62 -10.74 22.62
CA LYS A 175 12.07 -10.69 22.45
C LYS A 175 12.56 -9.32 22.90
N ARG A 176 11.88 -8.76 23.88
CA ARG A 176 12.30 -7.46 24.39
C ARG A 176 11.99 -7.29 25.88
N LYS A 177 13.02 -7.13 26.69
CA LYS A 177 12.79 -6.95 28.11
C LYS A 177 12.52 -5.48 28.53
N ASN A 178 12.16 -5.29 29.81
CA ASN A 178 11.93 -3.93 30.44
C ASN A 178 10.89 -3.07 29.72
N PRO A 179 10.80 -1.70 29.83
CA PRO A 179 9.64 -1.30 28.99
C PRO A 179 9.83 0.01 28.19
N THR A 180 11.01 0.66 28.23
CA THR A 180 11.10 1.94 27.44
C THR A 180 11.40 1.66 25.98
N SER A 181 12.06 0.54 25.69
CA SER A 181 12.43 0.16 24.35
C SER A 181 11.15 -0.17 23.61
N CYS A 182 10.31 -1.00 24.22
CA CYS A 182 9.02 -1.35 23.61
C CYS A 182 8.26 -0.08 23.32
N SER A 183 7.97 0.64 24.40
CA SER A 183 7.25 1.90 24.32
C SER A 183 7.84 2.82 23.26
N ARG A 184 9.16 2.72 23.09
CA ARG A 184 9.88 3.54 22.12
C ARG A 184 9.81 2.97 20.71
N ARG A 185 9.88 1.65 20.60
CA ARG A 185 9.78 0.97 19.33
C ARG A 185 8.40 1.26 18.75
N PHE A 186 7.38 1.14 19.59
CA PHE A 186 6.00 1.37 19.19
C PHE A 186 5.77 2.79 18.69
N TYR A 187 6.52 3.74 19.25
CA TYR A 187 6.40 5.13 18.85
C TYR A 187 6.99 5.32 17.46
N GLN A 188 8.16 4.73 17.23
CA GLN A 188 8.84 4.86 15.94
C GLN A 188 8.05 4.23 14.80
N LEU A 189 7.52 3.04 15.04
CA LEU A 189 6.75 2.31 14.03
C LEU A 189 5.39 2.93 13.71
N THR A 190 4.70 3.48 14.71
CA THR A 190 3.42 4.14 14.45
C THR A 190 3.70 5.44 13.69
N LYS A 191 4.90 6.00 13.88
CA LYS A 191 5.28 7.21 13.17
C LYS A 191 5.57 6.87 11.71
N LEU A 192 6.17 5.70 11.51
CA LEU A 192 6.53 5.21 10.19
C LEU A 192 5.28 4.97 9.39
N LEU A 193 4.30 4.31 10.01
CA LEU A 193 3.01 4.02 9.38
C LEU A 193 2.30 5.32 9.01
N ASP A 194 2.46 6.35 9.83
CA ASP A 194 1.83 7.64 9.57
C ASP A 194 2.43 8.32 8.34
N SER A 195 3.76 8.28 8.24
CA SER A 195 4.47 8.88 7.13
C SER A 195 4.08 8.29 5.79
N VAL A 196 3.41 7.15 5.81
CA VAL A 196 2.97 6.50 4.57
C VAL A 196 1.78 7.22 3.96
N GLN A 197 0.92 7.75 4.81
CA GLN A 197 -0.27 8.44 4.35
C GLN A 197 0.04 9.63 3.44
N PRO A 198 0.90 10.55 3.89
CA PRO A 198 1.27 11.71 3.08
C PRO A 198 1.76 11.35 1.69
N ILE A 199 2.54 10.28 1.60
CA ILE A 199 3.07 9.81 0.31
C ILE A 199 1.92 9.25 -0.52
N ALA A 200 1.05 8.51 0.14
CA ALA A 200 -0.07 7.90 -0.53
C ALA A 200 -0.93 8.95 -1.23
N ARG A 201 -1.33 9.99 -0.50
CA ARG A 201 -2.19 11.03 -1.08
C ARG A 201 -1.58 11.74 -2.27
N GLU A 202 -0.26 11.87 -2.26
CA GLU A 202 0.47 12.50 -3.35
C GLU A 202 0.31 11.67 -4.62
N LEU A 203 0.36 10.35 -4.47
CA LEU A 203 0.23 9.46 -5.60
C LEU A 203 -1.22 9.44 -6.07
N HIS A 204 -2.14 9.62 -5.13
CA HIS A 204 -3.55 9.66 -5.45
C HIS A 204 -3.81 10.87 -6.35
N GLN A 205 -3.25 12.00 -5.95
CA GLN A 205 -3.39 13.23 -6.71
C GLN A 205 -2.76 13.08 -8.07
N PHE A 206 -1.54 12.55 -8.08
CA PHE A 206 -0.82 12.36 -9.31
C PHE A 206 -1.57 11.45 -10.31
N THR A 207 -2.01 10.28 -9.85
CA THR A 207 -2.70 9.32 -10.71
C THR A 207 -4.07 9.81 -11.20
N PHE A 208 -4.72 10.64 -10.40
CA PHE A 208 -6.03 11.16 -10.79
C PHE A 208 -5.81 12.14 -11.94
N ASP A 209 -4.91 13.10 -11.73
CA ASP A 209 -4.61 14.07 -12.77
C ASP A 209 -4.19 13.33 -14.02
N LEU A 210 -3.43 12.26 -13.84
CA LEU A 210 -2.94 11.45 -14.95
C LEU A 210 -4.06 10.81 -15.76
N LEU A 211 -5.01 10.19 -15.06
CA LEU A 211 -6.13 9.55 -15.73
C LEU A 211 -6.97 10.52 -16.57
N ILE A 212 -7.24 11.70 -16.01
CA ILE A 212 -8.03 12.71 -16.69
C ILE A 212 -7.47 13.01 -18.08
N LYS A 213 -6.16 13.18 -18.18
CA LYS A 213 -5.52 13.50 -19.45
C LYS A 213 -4.76 12.34 -20.04
N SER A 214 -5.05 11.12 -19.58
CA SER A 214 -4.35 9.94 -20.06
C SER A 214 -4.32 9.83 -21.58
N HIS A 215 -5.46 10.07 -22.21
CA HIS A 215 -5.53 9.97 -23.67
C HIS A 215 -4.75 11.07 -24.42
N MET A 216 -4.27 12.07 -23.69
CA MET A 216 -3.49 13.15 -24.27
C MET A 216 -1.99 12.82 -24.24
N VAL A 217 -1.60 12.01 -23.26
CA VAL A 217 -0.20 11.63 -23.10
C VAL A 217 0.08 10.18 -23.52
N SER A 218 -0.97 9.51 -24.01
CA SER A 218 -0.88 8.13 -24.49
C SER A 218 -0.63 7.10 -23.40
N VAL A 219 -1.09 7.38 -22.17
CA VAL A 219 -0.89 6.47 -21.05
C VAL A 219 -2.11 5.59 -20.84
N ASP A 220 -1.92 4.28 -20.94
CA ASP A 220 -3.03 3.33 -20.77
C ASP A 220 -3.37 3.03 -19.31
N PHE A 221 -4.65 2.78 -19.05
CA PHE A 221 -5.10 2.45 -17.71
C PHE A 221 -5.87 1.13 -17.72
N PRO A 222 -5.48 0.18 -16.86
CA PRO A 222 -6.26 -1.07 -16.89
C PRO A 222 -7.73 -0.71 -16.54
N GLU A 223 -8.61 -1.69 -16.57
CA GLU A 223 -10.02 -1.43 -16.31
C GLU A 223 -10.41 -1.22 -14.84
N MET A 224 -9.82 -2.00 -13.92
CA MET A 224 -10.12 -1.83 -12.50
C MET A 224 -9.43 -0.57 -12.01
N MET A 225 -8.35 -0.19 -12.69
CA MET A 225 -7.58 0.99 -12.34
C MET A 225 -8.36 2.25 -12.67
N ALA A 226 -8.70 2.40 -13.94
CA ALA A 226 -9.44 3.57 -14.41
C ALA A 226 -10.76 3.64 -13.64
N GLU A 227 -11.19 2.50 -13.16
CA GLU A 227 -12.45 2.42 -12.42
C GLU A 227 -12.31 2.96 -11.00
N ILE A 228 -11.29 2.50 -10.30
CA ILE A 228 -11.03 2.89 -8.92
C ILE A 228 -10.54 4.33 -8.75
N ILE A 229 -9.74 4.82 -9.70
CA ILE A 229 -9.18 6.17 -9.65
C ILE A 229 -10.20 7.27 -9.86
N SER A 230 -11.34 6.94 -10.45
CA SER A 230 -12.38 7.94 -10.67
C SER A 230 -13.62 7.70 -9.81
N VAL A 231 -13.67 6.57 -9.11
CA VAL A 231 -14.83 6.26 -8.28
C VAL A 231 -14.53 6.21 -6.79
N GLN A 232 -13.26 6.06 -6.41
CA GLN A 232 -12.90 5.99 -5.00
C GLN A 232 -11.85 7.03 -4.62
N VAL A 233 -10.83 7.20 -5.47
CA VAL A 233 -9.77 8.16 -5.23
C VAL A 233 -10.34 9.59 -5.09
N PRO A 234 -11.27 9.97 -5.98
CA PRO A 234 -11.84 11.33 -5.91
C PRO A 234 -12.41 11.68 -4.53
N LYS A 235 -12.89 10.66 -3.81
CA LYS A 235 -13.48 10.93 -2.51
C LYS A 235 -12.44 11.07 -1.43
N ILE A 236 -11.24 10.57 -1.70
CA ILE A 236 -10.15 10.70 -0.74
C ILE A 236 -9.67 12.12 -0.96
N LEU A 237 -9.47 12.49 -2.22
CA LEU A 237 -9.01 13.84 -2.57
C LEU A 237 -9.97 14.97 -2.18
N SER A 238 -11.28 14.69 -2.16
CA SER A 238 -12.27 15.69 -1.81
C SER A 238 -12.66 15.67 -0.33
N GLY A 239 -11.87 14.95 0.49
CA GLY A 239 -12.12 14.89 1.92
C GLY A 239 -13.23 14.00 2.46
N LYS A 240 -13.86 13.21 1.61
CA LYS A 240 -14.92 12.30 2.07
C LYS A 240 -14.33 11.09 2.82
N VAL A 241 -13.26 10.55 2.26
CA VAL A 241 -12.55 9.41 2.84
C VAL A 241 -11.27 9.98 3.42
N LYS A 242 -10.96 9.62 4.65
CA LYS A 242 -9.77 10.13 5.32
C LYS A 242 -8.88 9.11 6.02
N PRO A 243 -7.55 9.35 5.99
CA PRO A 243 -6.59 8.45 6.63
C PRO A 243 -6.76 8.51 8.14
N ILE A 244 -6.48 7.41 8.83
CA ILE A 244 -6.55 7.37 10.28
C ILE A 244 -5.12 7.44 10.79
N TYR A 245 -4.74 8.57 11.36
CA TYR A 245 -3.40 8.73 11.91
C TYR A 245 -3.31 8.32 13.39
N PHE A 246 -2.15 7.80 13.77
CA PHE A 246 -1.93 7.42 15.14
C PHE A 246 -1.64 8.70 15.91
N HIS A 247 -0.64 9.43 15.42
CA HIS A 247 -0.18 10.68 16.02
C HIS A 247 -0.82 11.90 15.38
N THR A 248 -0.70 13.04 16.03
CA THR A 248 -1.26 14.27 15.48
C THR A 248 -0.20 14.99 14.64
N PRO B 1 -17.79 -1.81 -7.40
CA PRO B 1 -17.23 -1.79 -8.77
C PRO B 1 -17.90 -2.84 -9.63
N SER B 2 -17.10 -3.44 -10.51
CA SER B 2 -17.55 -4.49 -11.43
C SER B 2 -16.31 -5.04 -12.13
N ILE B 3 -15.77 -6.09 -11.53
CA ILE B 3 -14.57 -6.82 -11.96
C ILE B 3 -13.77 -6.96 -10.69
N LEU B 4 -13.90 -5.93 -9.84
CA LEU B 4 -13.25 -5.93 -8.53
C LEU B 4 -14.20 -6.76 -7.70
N LYS B 5 -15.45 -6.28 -7.64
CA LYS B 5 -16.50 -6.96 -6.90
C LYS B 5 -16.45 -8.46 -7.15
N LYS B 6 -16.31 -8.85 -8.41
CA LYS B 6 -16.28 -10.27 -8.76
C LYS B 6 -15.10 -11.06 -8.16
N ILE B 7 -13.94 -10.42 -8.07
CA ILE B 7 -12.77 -11.08 -7.50
C ILE B 7 -12.96 -11.30 -5.99
N LEU B 8 -13.83 -10.51 -5.38
CA LEU B 8 -14.08 -10.61 -3.94
C LEU B 8 -15.17 -11.65 -3.61
N LEU B 9 -16.38 -11.43 -4.11
CA LEU B 9 -17.49 -12.37 -3.90
C LEU B 9 -17.11 -13.53 -4.82
N GLU B 10 -15.93 -14.07 -4.53
CA GLU B 10 -15.31 -15.14 -5.28
C GLU B 10 -14.31 -15.86 -4.39
C1 DHT C . 2.30 -0.05 -8.39
C2 DHT C . 2.64 -1.14 -7.37
C3 DHT C . 3.89 -0.67 -6.58
O3 DHT C . 4.80 -1.46 -6.43
C4 DHT C . 3.87 0.74 -6.05
C5 DHT C . 3.55 1.80 -7.16
C6 DHT C . 3.51 3.28 -6.63
C7 DHT C . 3.20 4.25 -7.77
C8 DHT C . 1.83 3.92 -8.48
C9 DHT C . 1.88 2.44 -9.00
C10 DHT C . 2.17 1.39 -7.86
C11 DHT C . 0.52 2.14 -9.74
C12 DHT C . 0.13 3.10 -10.85
C13 DHT C . 0.18 4.58 -10.40
C14 DHT C . 1.54 4.87 -9.67
C15 DHT C . 1.43 6.37 -9.36
C16 DHT C . 0.83 6.92 -10.69
C17 DHT C . 0.31 5.67 -11.46
O17 DHT C . -0.93 5.99 -12.10
C18 DHT C . -1.06 4.87 -9.46
C19 DHT C . 0.99 1.47 -6.80
#